data_6KNW
#
_entry.id   6KNW
#
_cell.length_a   106.301
_cell.length_b   106.301
_cell.length_c   57.353
_cell.angle_alpha   90.000
_cell.angle_beta   90.000
_cell.angle_gamma   90.000
#
_symmetry.space_group_name_H-M   'P 43 21 2'
#
loop_
_entity.id
_entity.type
_entity.pdbx_description
1 polymer 'Thyroid hormone receptor beta'
2 polymer 'Nuclear receptor coactivator 2'
3 non-polymer '2-[(1-methyl-4-oxidanyl-7-phenoxy-isoquinolin-3-yl)carbonylamino]ethanoic acid'
4 water water
#
loop_
_entity_poly.entity_id
_entity_poly.type
_entity_poly.pdbx_seq_one_letter_code
_entity_poly.pdbx_strand_id
1 'polypeptide(L)'
;KPEPTDEEWELIKTVTEAHVATNAQGSHWKQKRKFLPEDIGQAPIVNAPEGGKVDLEAFSHFTKIITPAITRVVDFAKKL
PMFCELPCEDQIILLKGCCMEIMSLRAAVRYDPESETLTLNGEMAVTRGQLKNGGLGVVSDAIFDLGMSLSSFNLDDTEV
ALLQAVLLMSSDRPGLACVERIEKYQDSFLLAFEHYINYRKHHVTHFWPKLLMKVTDLRMIGACHASHFLHMKVECPTEL
FPPLFLEVFE
;
A
2 'polypeptide(L)' ENALLRYLLDK C
#
loop_
_chem_comp.id
_chem_comp.type
_chem_comp.name
_chem_comp.formula
8HO non-polymer '2-[(1-methyl-4-oxidanyl-7-phenoxy-isoquinolin-3-yl)carbonylamino]ethanoic acid' 'C19 H16 N2 O5'
#
# COMPACT_ATOMS: atom_id res chain seq x y z
N LYS A 1 -8.69 29.07 -3.00
CA LYS A 1 -8.96 27.65 -2.77
C LYS A 1 -8.83 27.30 -1.28
N PRO A 2 -9.83 26.61 -0.74
CA PRO A 2 -9.94 26.46 0.71
C PRO A 2 -8.94 25.48 1.31
N GLU A 3 -8.46 25.82 2.50
CA GLU A 3 -7.45 25.12 3.27
C GLU A 3 -8.08 24.42 4.51
N PRO A 4 -7.32 23.60 5.24
CA PRO A 4 -7.96 22.73 6.24
C PRO A 4 -8.65 23.48 7.38
N THR A 5 -9.81 22.96 7.80
CA THR A 5 -10.48 23.40 9.00
C THR A 5 -9.77 22.84 10.22
N ASP A 6 -10.11 23.37 11.40
CA ASP A 6 -9.43 22.89 12.60
C ASP A 6 -9.67 21.40 12.79
N GLU A 7 -10.91 20.95 12.57
CA GLU A 7 -11.19 19.52 12.63
C GLU A 7 -10.33 18.76 11.64
N GLU A 8 -10.09 19.35 10.46
CA GLU A 8 -9.31 18.66 9.43
C GLU A 8 -7.81 18.62 9.77
N TRP A 9 -7.30 19.67 10.41
CA TRP A 9 -5.94 19.65 10.93
C TRP A 9 -5.77 18.53 11.96
N GLU A 10 -6.71 18.44 12.91
CA GLU A 10 -6.67 17.37 13.90
C GLU A 10 -6.66 16.01 13.23
N LEU A 11 -7.53 15.83 12.23
CA LEU A 11 -7.57 14.58 11.49
C LEU A 11 -6.25 14.32 10.76
N ILE A 12 -5.63 15.38 10.24
CA ILE A 12 -4.38 15.24 9.50
C ILE A 12 -3.26 14.85 10.46
N LYS A 13 -3.29 15.39 11.67
CA LYS A 13 -2.33 14.97 12.69
C LYS A 13 -2.48 13.46 12.98
N THR A 14 -3.73 12.99 13.12
CA THR A 14 -3.95 11.59 13.43
C THR A 14 -3.43 10.66 12.34
N VAL A 15 -3.86 10.85 11.07
CA VAL A 15 -3.41 9.95 10.00
C VAL A 15 -1.91 10.03 9.83
N THR A 16 -1.35 11.25 9.83
CA THR A 16 0.08 11.38 9.61
C THR A 16 0.85 10.63 10.67
N GLU A 17 0.46 10.80 11.93
CA GLU A 17 1.13 10.08 13.00
C GLU A 17 0.96 8.57 12.85
N ALA A 18 -0.24 8.13 12.49
CA ALA A 18 -0.46 6.71 12.26
C ALA A 18 0.50 6.19 11.18
N HIS A 19 0.62 6.92 10.07
CA HIS A 19 1.49 6.52 8.97
C HIS A 19 2.96 6.52 9.38
N VAL A 20 3.44 7.57 10.05
CA VAL A 20 4.85 7.65 10.39
C VAL A 20 5.24 6.53 11.36
N ALA A 21 4.36 6.23 12.31
CA ALA A 21 4.65 5.21 13.32
C ALA A 21 4.69 3.80 12.73
N THR A 22 4.16 3.59 11.53
CA THR A 22 4.03 2.26 10.95
C THR A 22 4.78 2.13 9.62
N ASN A 23 5.56 3.14 9.25
CA ASN A 23 6.35 3.11 8.01
C ASN A 23 7.72 2.52 8.31
N ALA A 24 8.03 1.39 7.65
CA ALA A 24 9.22 0.62 7.95
C ALA A 24 10.50 1.44 7.82
N GLN A 25 11.27 1.48 8.91
CA GLN A 25 12.59 2.10 9.02
C GLN A 25 12.54 3.62 8.95
N GLY A 26 11.35 4.21 8.74
CA GLY A 26 11.17 5.64 8.92
C GLY A 26 12.09 6.47 8.05
N SER A 27 12.80 7.39 8.70
CA SER A 27 13.74 8.26 8.01
C SER A 27 14.97 7.51 7.50
N HIS A 28 15.31 6.39 8.13
CA HIS A 28 16.54 5.65 7.90
C HIS A 28 16.44 4.60 6.78
N TRP A 29 15.39 4.63 5.97
CA TRP A 29 15.16 3.49 5.08
C TRP A 29 16.21 3.39 3.98
N LYS A 30 16.79 4.51 3.53
CA LYS A 30 17.85 4.44 2.53
C LYS A 30 19.16 3.94 3.13
N GLN A 31 19.35 4.07 4.44
CA GLN A 31 20.58 3.61 5.09
C GLN A 31 20.52 2.11 5.40
N LYS A 32 19.38 1.63 5.90
CA LYS A 32 19.18 0.21 6.22
C LYS A 32 18.89 -0.63 4.96
N ARG A 33 19.20 -0.10 3.78
CA ARG A 33 18.77 -0.67 2.51
C ARG A 33 19.82 -1.63 1.96
N LYS A 34 19.42 -2.89 1.79
CA LYS A 34 20.22 -3.92 1.13
C LYS A 34 19.66 -4.14 -0.27
N PHE A 35 20.52 -3.97 -1.29
CA PHE A 35 20.13 -4.27 -2.66
C PHE A 35 20.15 -5.79 -2.84
N LEU A 36 19.00 -6.36 -3.21
CA LEU A 36 18.93 -7.80 -3.43
C LEU A 36 19.91 -8.20 -4.53
N PRO A 37 20.73 -9.24 -4.31
CA PRO A 37 21.73 -9.61 -5.32
C PRO A 37 21.09 -9.86 -6.68
N GLU A 38 21.85 -9.58 -7.74
CA GLU A 38 21.30 -9.45 -9.09
C GLU A 38 21.01 -10.80 -9.73
N ASP A 39 21.78 -11.84 -9.37
CA ASP A 39 21.51 -13.21 -9.80
C ASP A 39 20.17 -13.74 -9.27
N ILE A 40 19.67 -13.18 -8.16
CA ILE A 40 18.37 -13.56 -7.63
C ILE A 40 17.30 -12.78 -8.40
N GLY A 41 16.48 -13.50 -9.15
CA GLY A 41 15.35 -12.89 -9.81
C GLY A 41 15.50 -12.65 -11.29
N GLN A 42 16.35 -13.41 -11.97
CA GLN A 42 16.43 -13.35 -13.42
C GLN A 42 15.38 -14.29 -14.05
N ALA A 43 15.10 -14.07 -15.33
CA ALA A 43 13.94 -14.69 -15.97
C ALA A 43 14.14 -16.20 -16.09
N PRO A 44 13.14 -17.01 -15.72
CA PRO A 44 13.32 -18.47 -15.71
C PRO A 44 13.50 -19.06 -17.11
N ILE A 45 14.41 -20.02 -17.20
CA ILE A 45 14.87 -20.60 -18.47
C ILE A 45 15.09 -19.54 -19.53
N LYS A 53 8.91 -18.75 -15.87
CA LYS A 53 7.71 -18.37 -15.15
C LYS A 53 8.06 -17.64 -13.83
N VAL A 54 8.25 -18.38 -12.73
CA VAL A 54 8.53 -17.79 -11.42
C VAL A 54 9.90 -18.28 -10.95
N ASP A 55 10.79 -17.34 -10.64
CA ASP A 55 12.06 -17.65 -9.99
C ASP A 55 11.81 -17.97 -8.51
N LEU A 56 12.11 -19.20 -8.11
CA LEU A 56 11.71 -19.63 -6.77
C LEU A 56 12.56 -18.95 -5.68
N GLU A 57 13.82 -18.63 -5.98
CA GLU A 57 14.66 -17.97 -4.97
C GLU A 57 14.12 -16.58 -4.64
N ALA A 58 13.92 -15.74 -5.64
CA ALA A 58 13.37 -14.41 -5.37
C ALA A 58 11.98 -14.50 -4.76
N PHE A 59 11.19 -15.50 -5.18
CA PHE A 59 9.85 -15.69 -4.63
C PHE A 59 9.89 -15.89 -3.12
N SER A 60 10.84 -16.68 -2.64
CA SER A 60 10.94 -16.96 -1.21
C SER A 60 11.45 -15.76 -0.43
N HIS A 61 12.33 -14.94 -1.00
CA HIS A 61 12.68 -13.68 -0.35
C HIS A 61 11.46 -12.77 -0.24
N PHE A 62 10.68 -12.65 -1.32
CA PHE A 62 9.47 -11.82 -1.27
C PHE A 62 8.43 -12.43 -0.36
N THR A 63 8.34 -13.75 -0.36
CA THR A 63 7.40 -14.42 0.52
C THR A 63 7.73 -14.12 1.98
N LYS A 64 9.00 -13.96 2.31
CA LYS A 64 9.40 -13.83 3.70
C LYS A 64 9.27 -12.39 4.21
N ILE A 65 9.10 -11.40 3.35
CA ILE A 65 8.88 -10.03 3.82
C ILE A 65 7.44 -9.53 3.65
N ILE A 66 6.56 -10.27 2.97
CA ILE A 66 5.20 -9.78 2.81
C ILE A 66 4.48 -9.73 4.16
N THR A 67 4.79 -10.68 5.04
CA THR A 67 4.11 -10.75 6.34
C THR A 67 4.34 -9.53 7.21
N PRO A 68 5.58 -9.06 7.43
CA PRO A 68 5.73 -7.81 8.20
C PRO A 68 5.12 -6.61 7.50
N ALA A 69 5.12 -6.60 6.18
CA ALA A 69 4.54 -5.49 5.44
C ALA A 69 3.03 -5.46 5.57
N ILE A 70 2.39 -6.64 5.53
CA ILE A 70 0.95 -6.68 5.78
C ILE A 70 0.65 -6.23 7.20
N THR A 71 1.53 -6.58 8.14
CA THR A 71 1.28 -6.27 9.54
C THR A 71 1.38 -4.80 9.80
N ARG A 72 2.29 -4.11 9.11
CA ARG A 72 2.34 -2.66 9.25
C ARG A 72 1.07 -2.01 8.72
N VAL A 73 0.50 -2.55 7.64
CA VAL A 73 -0.75 -1.97 7.18
C VAL A 73 -1.83 -2.15 8.24
N VAL A 74 -1.90 -3.33 8.87
CA VAL A 74 -2.84 -3.57 9.96
C VAL A 74 -2.60 -2.60 11.10
N ASP A 75 -1.34 -2.39 11.46
CA ASP A 75 -1.02 -1.43 12.51
C ASP A 75 -1.49 -0.03 12.16
N PHE A 76 -1.40 0.35 10.89
CA PHE A 76 -1.87 1.67 10.49
C PHE A 76 -3.36 1.80 10.73
N ALA A 77 -4.13 0.83 10.25
CA ALA A 77 -5.58 0.92 10.37
C ALA A 77 -6.00 1.01 11.84
N LYS A 78 -5.30 0.28 12.71
CA LYS A 78 -5.67 0.23 14.12
C LYS A 78 -5.37 1.53 14.85
N LYS A 79 -4.46 2.35 14.34
CA LYS A 79 -4.22 3.65 14.93
C LYS A 79 -5.16 4.73 14.40
N LEU A 80 -6.14 4.35 13.56
CA LEU A 80 -7.14 5.29 13.08
C LEU A 80 -8.44 5.13 13.88
N PRO A 81 -8.82 6.09 14.70
CA PRO A 81 -10.05 5.91 15.50
C PRO A 81 -11.28 5.56 14.68
N MET A 82 -11.47 6.16 13.49
CA MET A 82 -12.66 5.84 12.70
C MET A 82 -12.71 4.36 12.35
N PHE A 83 -11.54 3.78 12.03
CA PHE A 83 -11.45 2.37 11.69
C PHE A 83 -11.89 1.50 12.86
N CYS A 84 -11.53 1.90 14.07
CA CYS A 84 -11.73 1.03 15.22
C CYS A 84 -13.20 0.88 15.60
N GLU A 85 -14.02 1.86 15.23
CA GLU A 85 -15.46 1.80 15.50
C GLU A 85 -16.23 0.94 14.50
N LEU A 86 -15.57 0.45 13.45
CA LEU A 86 -16.21 -0.46 12.53
C LEU A 86 -16.28 -1.85 13.16
N PRO A 87 -17.33 -2.63 12.85
CA PRO A 87 -17.38 -4.01 13.35
C PRO A 87 -16.23 -4.82 12.76
N CYS A 88 -15.99 -5.97 13.39
CA CYS A 88 -14.78 -6.73 13.10
C CYS A 88 -14.75 -7.19 11.65
N GLU A 89 -15.88 -7.68 11.14
CA GLU A 89 -15.88 -8.20 9.77
C GLU A 89 -15.68 -7.10 8.76
N ASP A 90 -16.22 -5.91 9.04
CA ASP A 90 -15.91 -4.76 8.20
C ASP A 90 -14.41 -4.47 8.19
N GLN A 91 -13.77 -4.52 9.36
CA GLN A 91 -12.33 -4.25 9.42
C GLN A 91 -11.56 -5.28 8.59
N ILE A 92 -11.92 -6.55 8.72
CA ILE A 92 -11.27 -7.60 7.95
C ILE A 92 -11.45 -7.34 6.46
N ILE A 93 -12.68 -7.01 6.05
CA ILE A 93 -12.94 -6.76 4.64
C ILE A 93 -12.13 -5.55 4.17
N LEU A 94 -12.18 -4.46 4.94
CA LEU A 94 -11.45 -3.25 4.56
C LEU A 94 -9.93 -3.48 4.51
N LEU A 95 -9.39 -4.32 5.40
CA LEU A 95 -7.95 -4.58 5.34
C LEU A 95 -7.58 -5.45 4.13
N LYS A 96 -8.33 -6.52 3.89
CA LYS A 96 -8.02 -7.34 2.73
C LYS A 96 -8.14 -6.55 1.46
N GLY A 97 -9.03 -5.56 1.43
CA GLY A 97 -9.23 -4.76 0.23
C GLY A 97 -8.08 -3.84 -0.10
N CYS A 98 -7.43 -3.24 0.92
CA CYS A 98 -6.48 -2.15 0.67
C CYS A 98 -5.03 -2.50 0.96
N CYS A 99 -4.76 -3.71 1.42
CA CYS A 99 -3.40 -4.12 1.81
C CYS A 99 -2.40 -4.05 0.66
N MET A 100 -2.74 -4.62 -0.48
CA MET A 100 -1.84 -4.56 -1.62
C MET A 100 -1.76 -3.14 -2.16
N GLU A 101 -2.86 -2.39 -2.12
CA GLU A 101 -2.85 -1.00 -2.55
C GLU A 101 -1.87 -0.17 -1.71
N ILE A 102 -1.94 -0.32 -0.38
CA ILE A 102 -1.14 0.54 0.48
C ILE A 102 0.33 0.12 0.45
N MET A 103 0.60 -1.18 0.42
CA MET A 103 1.99 -1.65 0.29
C MET A 103 2.64 -1.16 -1.00
N SER A 104 1.87 -1.13 -2.11
CA SER A 104 2.44 -0.68 -3.37
C SER A 104 2.72 0.81 -3.32
N LEU A 105 1.75 1.59 -2.84
CA LEU A 105 2.01 3.00 -2.58
C LEU A 105 3.28 3.17 -1.74
N ARG A 106 3.34 2.45 -0.63
CA ARG A 106 4.50 2.61 0.23
C ARG A 106 5.79 2.23 -0.46
N ALA A 107 5.77 1.23 -1.36
CA ALA A 107 6.97 0.92 -2.13
C ALA A 107 7.22 1.98 -3.19
N ALA A 108 6.15 2.44 -3.86
CA ALA A 108 6.32 3.36 -5.00
C ALA A 108 6.90 4.71 -4.56
N VAL A 109 6.49 5.22 -3.39
CA VAL A 109 7.07 6.48 -2.94
C VAL A 109 8.50 6.31 -2.49
N ARG A 110 9.01 5.09 -2.46
CA ARG A 110 10.41 4.82 -2.19
C ARG A 110 11.14 4.36 -3.45
N TYR A 111 10.67 4.81 -4.61
CA TYR A 111 11.41 4.59 -5.85
C TYR A 111 12.65 5.50 -5.88
N ASP A 112 13.79 4.93 -6.26
CA ASP A 112 15.04 5.68 -6.35
C ASP A 112 15.48 5.72 -7.82
N PRO A 113 15.31 6.84 -8.51
CA PRO A 113 15.61 6.87 -9.95
C PRO A 113 17.06 6.60 -10.27
N GLU A 114 17.99 6.84 -9.33
CA GLU A 114 19.40 6.61 -9.66
C GLU A 114 19.69 5.11 -9.77
N SER A 115 19.15 4.31 -8.85
CA SER A 115 19.33 2.87 -8.92
C SER A 115 18.16 2.15 -9.60
N GLU A 116 16.99 2.81 -9.76
CA GLU A 116 15.81 2.23 -10.41
C GLU A 116 15.30 1.02 -9.62
N THR A 117 15.23 1.21 -8.30
CA THR A 117 14.78 0.23 -7.33
C THR A 117 13.66 0.82 -6.51
N LEU A 118 12.84 -0.08 -5.97
CA LEU A 118 11.95 0.18 -4.86
C LEU A 118 12.52 -0.47 -3.62
N THR A 119 12.21 0.09 -2.46
CA THR A 119 12.62 -0.50 -1.20
C THR A 119 11.39 -1.10 -0.53
N LEU A 120 11.45 -2.40 -0.31
CA LEU A 120 10.39 -3.11 0.40
C LEU A 120 10.83 -3.33 1.84
N ASN A 121 9.91 -3.13 2.77
CA ASN A 121 10.15 -3.43 4.17
C ASN A 121 11.22 -2.53 4.80
N GLY A 122 11.49 -1.37 4.21
CA GLY A 122 12.54 -0.50 4.73
C GLY A 122 13.95 -1.02 4.58
N GLU A 123 14.13 -2.16 3.91
CA GLU A 123 15.41 -2.86 3.95
C GLU A 123 15.85 -3.47 2.62
N MET A 124 14.97 -3.71 1.64
CA MET A 124 15.31 -4.53 0.48
C MET A 124 15.07 -3.75 -0.80
N ALA A 125 16.14 -3.39 -1.49
CA ALA A 125 16.03 -2.71 -2.78
C ALA A 125 15.98 -3.75 -3.91
N VAL A 126 14.88 -3.74 -4.68
CA VAL A 126 14.71 -4.66 -5.80
C VAL A 126 14.50 -3.86 -7.07
N THR A 127 14.77 -4.51 -8.21
CA THR A 127 14.65 -3.86 -9.50
C THR A 127 13.33 -4.23 -10.14
N ARG A 128 13.00 -3.55 -11.25
CA ARG A 128 11.80 -3.90 -11.99
C ARG A 128 11.80 -5.36 -12.41
N GLY A 129 12.96 -5.84 -12.87
CA GLY A 129 13.07 -7.23 -13.32
C GLY A 129 12.95 -8.24 -12.18
N GLN A 130 13.50 -7.93 -11.01
CA GLN A 130 13.45 -8.87 -9.89
C GLN A 130 12.03 -9.03 -9.39
N LEU A 131 11.36 -7.91 -9.11
CA LEU A 131 9.98 -7.99 -8.65
C LEU A 131 9.10 -8.65 -9.70
N LYS A 132 9.39 -8.42 -10.99
CA LYS A 132 8.60 -9.06 -12.03
C LYS A 132 8.79 -10.56 -12.01
N ASN A 133 10.04 -11.01 -12.06
CA ASN A 133 10.34 -12.43 -12.16
C ASN A 133 10.15 -13.19 -10.86
N GLY A 134 9.98 -12.50 -9.72
CA GLY A 134 9.64 -13.13 -8.46
C GLY A 134 8.17 -13.36 -8.23
N GLY A 135 7.33 -13.10 -9.23
CA GLY A 135 5.92 -13.42 -9.12
C GLY A 135 4.91 -12.33 -9.48
N LEU A 136 5.29 -11.05 -9.41
CA LEU A 136 4.35 -9.97 -9.64
C LEU A 136 3.99 -9.80 -11.11
N GLY A 137 4.82 -10.25 -12.04
CA GLY A 137 4.46 -10.08 -13.43
C GLY A 137 4.27 -8.62 -13.80
N VAL A 138 3.29 -8.36 -14.67
CA VAL A 138 3.02 -7.01 -15.17
C VAL A 138 2.74 -6.02 -14.03
N VAL A 139 2.22 -6.49 -12.89
CA VAL A 139 1.99 -5.62 -11.74
C VAL A 139 3.30 -4.97 -11.28
N SER A 140 4.45 -5.63 -11.50
CA SER A 140 5.73 -5.00 -11.22
C SER A 140 5.90 -3.70 -11.99
N ASP A 141 5.67 -3.76 -13.32
CA ASP A 141 5.72 -2.57 -14.16
C ASP A 141 4.77 -1.50 -13.68
N ALA A 142 3.53 -1.89 -13.31
CA ALA A 142 2.56 -0.96 -12.74
C ALA A 142 3.12 -0.21 -11.52
N ILE A 143 3.65 -0.94 -10.53
CA ILE A 143 4.18 -0.27 -9.35
C ILE A 143 5.41 0.58 -9.68
N PHE A 144 6.29 0.11 -10.55
CA PHE A 144 7.47 0.90 -10.91
C PHE A 144 7.08 2.14 -11.70
N ASP A 145 6.17 2.00 -12.66
CA ASP A 145 5.65 3.17 -13.38
C ASP A 145 5.03 4.19 -12.44
N LEU A 146 4.25 3.72 -11.46
CA LEU A 146 3.71 4.63 -10.44
C LEU A 146 4.81 5.37 -9.70
N GLY A 147 5.83 4.64 -9.26
CA GLY A 147 6.91 5.30 -8.55
C GLY A 147 7.57 6.38 -9.39
N MET A 148 7.89 6.06 -10.65
CA MET A 148 8.50 7.02 -11.55
C MET A 148 7.67 8.28 -11.67
N SER A 149 6.35 8.14 -11.77
CA SER A 149 5.50 9.30 -11.99
C SER A 149 5.21 10.06 -10.70
N LEU A 150 5.25 9.39 -9.55
CA LEU A 150 5.01 10.06 -8.28
C LEU A 150 6.16 10.99 -7.90
N SER A 151 7.37 10.71 -8.38
CA SER A 151 8.52 11.56 -8.08
C SER A 151 8.20 13.04 -8.32
N SER A 152 7.43 13.36 -9.36
CA SER A 152 7.11 14.75 -9.67
C SER A 152 6.05 15.33 -8.76
N PHE A 153 5.30 14.50 -8.03
CA PHE A 153 4.25 14.96 -7.15
C PHE A 153 4.76 15.37 -5.78
N ASN A 154 6.00 14.98 -5.44
CA ASN A 154 6.66 15.41 -4.20
C ASN A 154 5.73 15.25 -2.99
N LEU A 155 5.11 14.08 -2.89
CA LEU A 155 4.25 13.77 -1.76
C LEU A 155 5.04 13.72 -0.46
N ASP A 156 4.48 14.33 0.57
CA ASP A 156 5.06 14.29 1.91
C ASP A 156 4.35 13.21 2.74
N ASP A 157 4.79 13.05 3.99
CA ASP A 157 4.20 12.03 4.87
C ASP A 157 2.68 12.19 4.99
N THR A 158 2.20 13.43 5.04
CA THR A 158 0.77 13.67 5.21
C THR A 158 -0.02 13.27 3.97
N GLU A 159 0.49 13.62 2.78
CA GLU A 159 -0.24 13.25 1.56
C GLU A 159 -0.26 11.74 1.38
N VAL A 160 0.84 11.07 1.72
CA VAL A 160 0.86 9.60 1.67
C VAL A 160 -0.14 9.03 2.67
N ALA A 161 -0.12 9.55 3.92
CA ALA A 161 -1.03 9.08 4.95
C ALA A 161 -2.48 9.18 4.50
N LEU A 162 -2.83 10.33 3.93
CA LEU A 162 -4.22 10.58 3.51
C LEU A 162 -4.64 9.68 2.36
N LEU A 163 -3.75 9.47 1.40
CA LEU A 163 -3.97 8.49 0.34
C LEU A 163 -4.24 7.10 0.91
N GLN A 164 -3.47 6.67 1.91
CA GLN A 164 -3.72 5.38 2.53
C GLN A 164 -5.09 5.35 3.20
N ALA A 165 -5.45 6.42 3.92
CA ALA A 165 -6.76 6.46 4.54
C ALA A 165 -7.88 6.44 3.50
N VAL A 166 -7.69 7.12 2.37
CA VAL A 166 -8.74 7.11 1.35
C VAL A 166 -8.93 5.71 0.78
N LEU A 167 -7.84 4.97 0.59
CA LEU A 167 -7.93 3.60 0.07
C LEU A 167 -8.50 2.65 1.13
N LEU A 168 -8.08 2.80 2.39
CA LEU A 168 -8.60 1.94 3.44
C LEU A 168 -10.11 2.09 3.56
N MET A 169 -10.61 3.32 3.51
CA MET A 169 -12.04 3.60 3.70
C MET A 169 -12.82 3.49 2.38
N SER A 170 -12.77 2.30 1.77
CA SER A 170 -13.44 2.08 0.49
C SER A 170 -14.74 1.31 0.72
N SER A 171 -15.87 1.98 0.50
CA SER A 171 -17.18 1.42 0.85
C SER A 171 -17.69 0.43 -0.19
N ASP A 172 -16.93 0.17 -1.24
CA ASP A 172 -17.40 -0.68 -2.33
C ASP A 172 -16.89 -2.11 -2.22
N ARG A 173 -16.09 -2.44 -1.22
CA ARG A 173 -15.61 -3.82 -1.09
C ARG A 173 -16.80 -4.75 -0.82
N PRO A 174 -16.80 -5.94 -1.41
CA PRO A 174 -17.96 -6.84 -1.26
C PRO A 174 -18.11 -7.33 0.17
N GLY A 175 -19.32 -7.20 0.71
CA GLY A 175 -19.69 -7.78 1.98
C GLY A 175 -19.84 -6.79 3.11
N LEU A 176 -19.58 -5.50 2.89
CA LEU A 176 -19.51 -4.56 3.99
C LEU A 176 -20.89 -4.28 4.55
N ALA A 177 -21.01 -4.33 5.88
CA ALA A 177 -22.23 -3.88 6.54
C ALA A 177 -22.35 -2.36 6.49
N CYS A 178 -21.37 -1.66 7.07
CA CYS A 178 -21.50 -0.23 7.34
C CYS A 178 -21.02 0.60 6.15
N VAL A 179 -21.66 0.35 5.01
CA VAL A 179 -21.21 0.97 3.76
C VAL A 179 -21.35 2.48 3.84
N GLU A 180 -22.47 2.98 4.36
CA GLU A 180 -22.65 4.42 4.45
C GLU A 180 -21.73 5.02 5.50
N ARG A 181 -21.51 4.32 6.62
CA ARG A 181 -20.55 4.80 7.59
C ARG A 181 -19.17 4.92 6.96
N ILE A 182 -18.77 3.90 6.19
CA ILE A 182 -17.42 3.93 5.64
C ILE A 182 -17.30 5.06 4.62
N GLU A 183 -18.37 5.33 3.88
CA GLU A 183 -18.27 6.40 2.90
C GLU A 183 -18.27 7.76 3.58
N LYS A 184 -18.92 7.89 4.74
CA LYS A 184 -18.76 9.10 5.52
C LYS A 184 -17.29 9.31 5.92
N TYR A 185 -16.63 8.26 6.44
CA TYR A 185 -15.22 8.40 6.81
C TYR A 185 -14.38 8.78 5.60
N GLN A 186 -14.60 8.15 4.46
CA GLN A 186 -13.79 8.46 3.29
C GLN A 186 -13.97 9.90 2.88
N ASP A 187 -15.22 10.39 2.92
CA ASP A 187 -15.49 11.75 2.50
C ASP A 187 -14.73 12.76 3.33
N SER A 188 -14.64 12.52 4.66
CA SER A 188 -13.84 13.37 5.55
C SER A 188 -12.37 13.39 5.12
N PHE A 189 -11.81 12.22 4.84
CA PHE A 189 -10.41 12.18 4.45
C PHE A 189 -10.21 12.90 3.13
N LEU A 190 -11.11 12.68 2.16
CA LEU A 190 -10.96 13.30 0.85
C LEU A 190 -11.00 14.82 0.95
N LEU A 191 -11.86 15.33 1.83
CA LEU A 191 -11.95 16.77 2.04
C LEU A 191 -10.68 17.33 2.69
N ALA A 192 -10.21 16.67 3.77
CA ALA A 192 -8.96 17.10 4.39
C ALA A 192 -7.82 17.04 3.39
N PHE A 193 -7.77 15.94 2.62
CA PHE A 193 -6.72 15.76 1.62
C PHE A 193 -6.71 16.89 0.59
N GLU A 194 -7.89 17.22 0.03
CA GLU A 194 -7.94 18.30 -0.94
C GLU A 194 -7.52 19.63 -0.31
N HIS A 195 -8.08 19.96 0.86
CA HIS A 195 -7.74 21.24 1.48
C HIS A 195 -6.27 21.31 1.86
N TYR A 196 -5.66 20.18 2.24
CA TYR A 196 -4.22 20.19 2.48
C TYR A 196 -3.45 20.45 1.19
N ILE A 197 -3.87 19.80 0.09
CA ILE A 197 -3.28 20.03 -1.23
C ILE A 197 -3.40 21.50 -1.64
N ASN A 198 -4.56 22.12 -1.35
CA ASN A 198 -4.72 23.53 -1.65
C ASN A 198 -3.71 24.34 -0.86
N TYR A 199 -3.55 23.99 0.42
CA TYR A 199 -2.61 24.69 1.29
C TYR A 199 -1.16 24.45 0.87
N ARG A 200 -0.85 23.26 0.36
CA ARG A 200 0.54 22.96 0.05
C ARG A 200 1.01 23.70 -1.19
N LYS A 201 0.10 23.99 -2.14
CA LYS A 201 0.39 24.71 -3.38
C LYS A 201 1.53 24.05 -4.16
N HIS A 202 1.28 22.83 -4.59
CA HIS A 202 2.24 22.17 -5.46
C HIS A 202 2.34 22.92 -6.78
N HIS A 203 3.48 22.77 -7.44
CA HIS A 203 3.71 23.41 -8.73
C HIS A 203 3.50 22.43 -9.88
N VAL A 204 2.32 21.81 -9.85
CA VAL A 204 1.80 20.95 -10.92
C VAL A 204 0.37 21.39 -11.18
N THR A 205 -0.02 21.48 -12.45
CA THR A 205 -1.36 21.95 -12.78
C THR A 205 -2.35 20.81 -12.55
N HIS A 206 -3.53 21.18 -12.04
CA HIS A 206 -4.56 20.21 -11.66
C HIS A 206 -3.97 19.06 -10.86
N PHE A 207 -3.29 19.41 -9.77
CA PHE A 207 -2.71 18.39 -8.90
C PHE A 207 -3.79 17.46 -8.40
N TRP A 208 -4.89 18.03 -7.90
CA TRP A 208 -5.95 17.19 -7.34
C TRP A 208 -6.52 16.22 -8.37
N PRO A 209 -6.90 16.64 -9.58
CA PRO A 209 -7.34 15.63 -10.58
C PRO A 209 -6.29 14.59 -10.91
N LYS A 210 -5.02 14.97 -10.99
CA LYS A 210 -3.98 14.00 -11.29
C LYS A 210 -3.80 13.01 -10.15
N LEU A 211 -3.84 13.49 -8.91
CA LEU A 211 -3.75 12.59 -7.76
C LEU A 211 -4.90 11.60 -7.73
N LEU A 212 -6.10 12.02 -8.16
CA LEU A 212 -7.23 11.12 -8.19
C LEU A 212 -6.99 9.98 -9.19
N MET A 213 -6.35 10.28 -10.30
CA MET A 213 -5.94 9.22 -11.22
C MET A 213 -4.91 8.27 -10.60
N LYS A 214 -4.03 8.78 -9.74
CA LYS A 214 -3.11 7.88 -9.06
C LYS A 214 -3.87 6.92 -8.16
N VAL A 215 -4.87 7.43 -7.44
CA VAL A 215 -5.74 6.56 -6.63
C VAL A 215 -6.27 5.41 -7.48
N THR A 216 -6.76 5.73 -8.70
CA THR A 216 -7.24 4.71 -9.62
C THR A 216 -6.12 3.74 -10.03
N ASP A 217 -4.92 4.26 -10.33
CA ASP A 217 -3.78 3.39 -10.63
C ASP A 217 -3.56 2.39 -9.51
N LEU A 218 -3.63 2.84 -8.26
CA LEU A 218 -3.46 1.95 -7.11
C LEU A 218 -4.60 0.96 -7.00
N ARG A 219 -5.83 1.40 -7.26
CA ARG A 219 -6.94 0.46 -7.16
C ARG A 219 -6.85 -0.60 -8.22
N MET A 220 -6.21 -0.28 -9.36
CA MET A 220 -5.95 -1.30 -10.37
C MET A 220 -4.90 -2.32 -9.89
N ILE A 221 -3.81 -1.84 -9.29
CA ILE A 221 -2.83 -2.76 -8.72
C ILE A 221 -3.51 -3.68 -7.72
N GLY A 222 -4.47 -3.15 -6.95
CA GLY A 222 -5.11 -3.95 -5.93
C GLY A 222 -6.09 -4.97 -6.49
N ALA A 223 -6.84 -4.58 -7.52
CA ALA A 223 -7.76 -5.49 -8.20
C ALA A 223 -7.02 -6.52 -9.05
N CYS A 224 -5.76 -6.31 -9.38
CA CYS A 224 -5.05 -7.24 -10.23
C CYS A 224 -4.63 -8.48 -9.47
N HIS A 225 -4.38 -8.27 -8.19
CA HIS A 225 -3.91 -9.34 -7.29
C HIS A 225 -5.09 -10.25 -6.97
N ALA A 226 -5.23 -11.18 -7.89
CA ALA A 226 -6.22 -12.25 -8.04
C ALA A 226 -5.76 -12.94 -9.31
N SER A 227 -5.52 -12.14 -10.34
CA SER A 227 -5.01 -12.62 -11.64
C SER A 227 -3.55 -13.01 -11.44
N HIS A 228 -2.91 -12.43 -10.44
CA HIS A 228 -1.53 -12.85 -10.23
C HIS A 228 -1.34 -13.58 -8.91
N PHE A 229 -2.40 -13.70 -8.10
CA PHE A 229 -2.43 -14.74 -7.10
C PHE A 229 -2.51 -16.12 -7.77
N LEU A 230 -3.36 -16.24 -8.79
CA LEU A 230 -3.42 -17.50 -9.53
C LEU A 230 -2.16 -17.75 -10.33
N HIS A 231 -1.52 -16.69 -10.85
CA HIS A 231 -0.29 -16.84 -11.62
C HIS A 231 0.84 -17.45 -10.78
N MET A 232 0.79 -17.28 -9.45
CA MET A 232 1.80 -17.86 -8.56
C MET A 232 1.42 -19.27 -8.09
N LYS A 233 0.13 -19.54 -7.86
CA LYS A 233 -0.35 -20.88 -7.53
C LYS A 233 -0.32 -21.83 -8.71
N VAL A 234 0.17 -21.43 -9.89
CA VAL A 234 0.39 -22.38 -10.97
C VAL A 234 1.57 -23.29 -10.64
N GLU A 235 2.60 -22.74 -9.97
CA GLU A 235 3.82 -23.45 -9.61
C GLU A 235 3.90 -23.82 -8.13
N CYS A 236 3.69 -22.85 -7.28
CA CYS A 236 3.95 -23.00 -5.85
C CYS A 236 2.73 -23.60 -5.15
N PRO A 237 2.88 -24.69 -4.40
CA PRO A 237 1.77 -25.18 -3.58
C PRO A 237 1.41 -24.14 -2.53
N THR A 238 0.16 -24.22 -2.07
CA THR A 238 -0.32 -23.21 -1.14
C THR A 238 0.50 -23.19 0.16
N GLU A 239 1.12 -24.32 0.52
CA GLU A 239 2.01 -24.33 1.68
C GLU A 239 3.12 -23.30 1.56
N LEU A 240 3.56 -23.00 0.33
CA LEU A 240 4.74 -22.16 0.15
C LEU A 240 4.46 -20.69 0.46
N PHE A 241 3.21 -20.27 0.51
CA PHE A 241 2.94 -18.90 0.93
C PHE A 241 2.77 -18.81 2.44
N PRO A 242 3.19 -17.70 3.06
CA PRO A 242 2.91 -17.52 4.48
C PRO A 242 1.43 -17.31 4.72
N PRO A 243 0.93 -17.71 5.92
CA PRO A 243 -0.53 -17.73 6.14
C PRO A 243 -1.19 -16.37 6.11
N LEU A 244 -0.55 -15.35 6.67
CA LEU A 244 -1.16 -14.03 6.67
C LEU A 244 -1.35 -13.50 5.24
N PHE A 245 -0.46 -13.90 4.33
CA PHE A 245 -0.62 -13.52 2.92
C PHE A 245 -1.85 -14.21 2.33
N LEU A 246 -2.00 -15.53 2.56
CA LEU A 246 -3.16 -16.25 2.04
C LEU A 246 -4.47 -15.61 2.53
N GLU A 247 -4.52 -15.22 3.81
CA GLU A 247 -5.75 -14.63 4.34
C GLU A 247 -6.11 -13.33 3.61
N VAL A 248 -5.13 -12.44 3.46
CA VAL A 248 -5.37 -11.13 2.87
C VAL A 248 -5.72 -11.26 1.39
N PHE A 249 -5.07 -12.17 0.67
CA PHE A 249 -5.20 -12.23 -0.78
C PHE A 249 -6.20 -13.28 -1.27
N GLU A 250 -6.90 -13.96 -0.36
CA GLU A 250 -8.08 -14.73 -0.73
C GLU A 250 -9.07 -14.83 0.43
N GLU B 1 -12.64 -17.53 9.44
CA GLU B 1 -11.73 -18.19 8.51
C GLU B 1 -10.43 -17.40 8.42
N ASN B 2 -10.51 -16.13 8.82
CA ASN B 2 -9.34 -15.25 8.86
C ASN B 2 -8.74 -15.24 10.25
N ALA B 3 -8.44 -16.45 10.73
CA ALA B 3 -8.01 -16.62 12.11
C ALA B 3 -6.86 -15.68 12.46
N LEU B 4 -5.81 -15.67 11.64
CA LEU B 4 -4.64 -14.86 11.98
C LEU B 4 -4.94 -13.38 11.85
N LEU B 5 -5.64 -12.97 10.79
CA LEU B 5 -5.90 -11.54 10.64
C LEU B 5 -6.86 -11.05 11.71
N ARG B 6 -7.82 -11.90 12.10
CA ARG B 6 -8.72 -11.59 13.21
C ARG B 6 -7.95 -11.41 14.50
N TYR B 7 -6.98 -12.29 14.77
CA TYR B 7 -6.16 -12.15 15.98
C TYR B 7 -5.39 -10.83 15.96
N LEU B 8 -4.77 -10.49 14.82
CA LEU B 8 -3.99 -9.26 14.76
C LEU B 8 -4.84 -8.03 15.01
N LEU B 9 -6.12 -8.06 14.64
CA LEU B 9 -7.06 -7.00 14.98
C LEU B 9 -7.51 -7.04 16.45
N ASP B 10 -6.93 -7.90 17.29
CA ASP B 10 -7.30 -8.10 18.69
C ASP B 10 -8.82 -8.16 18.83
C 8HO C . 3.76 -4.70 -3.18
N 8HO C . 5.19 -4.25 -1.23
O 8HO C . 4.43 -9.80 -3.49
O3 8HO C . 5.34 -1.56 2.94
C18 8HO C . 6.36 -0.94 2.53
O4 8HO C . 7.12 -0.34 3.33
C17 8HO C . 6.65 -0.92 1.04
N1 8HO C . 6.14 -2.09 0.35
C16 8HO C . 6.56 -3.46 0.66
O2 8HO C . 7.40 -3.73 1.50
C2 8HO C . 5.99 -4.57 -0.22
C3 8HO C . 6.42 -5.88 -0.02
O1 8HO C . 7.28 -6.21 1.03
C4 8HO C . 5.93 -6.90 -0.87
C9 8HO C . 6.31 -8.25 -0.68
C8 8HO C . 5.83 -9.24 -1.53
C7 8HO C . 4.97 -8.88 -2.57
C6 8HO C . 4.60 -7.54 -2.74
C5 8HO C . 5.08 -6.53 -1.90
C1 8HO C . 4.71 -5.17 -2.06
C10 8HO C . 4.77 -11.15 -3.44
C15 8HO C . 4.27 -11.98 -2.43
C14 8HO C . 4.61 -13.34 -2.43
C13 8HO C . 5.42 -13.87 -3.44
C12 8HO C . 5.88 -13.03 -4.46
C11 8HO C . 5.55 -11.68 -4.47
#